data_6D6D
#
_entry.id   6D6D
#
_cell.length_a   43.480
_cell.length_b   64.200
_cell.length_c   53.920
_cell.angle_alpha   90.00
_cell.angle_beta   92.32
_cell.angle_gamma   90.00
#
_symmetry.space_group_name_H-M   'P 1 21 1'
#
loop_
_entity.id
_entity.type
_entity.pdbx_description
1 polymer 'Transcriptional activator protein LasR'
2 non-polymer '2,4-dibromo-6-{[(2-nitrobenzene-1-carbonyl)amino]methyl}phenyl 2-cyanobenzoate'
3 water water
#
_entity_poly.entity_id   1
_entity_poly.type   'polypeptide(L)'
_entity_poly.pdbx_seq_one_letter_code
;MALVDGFLELERSSGKLEWSAILQKMASDLGFSKILFGLLPKDSQDYENAFIVGNYPAAWREHYDRAGYARVDPTVSHCT
QSVLPIFWEPSIYQTRKQHEFFEEASAAGLVYGLTMPLHGARGELGALSLSVEAENRAEANRFMESVLPTLWMLKDYALQ
SGAGLAFEH
;
_entity_poly.pdbx_strand_id   A,B
#
# COMPACT_ATOMS: atom_id res chain seq x y z
N PHE A 7 2.62 -2.96 -15.35
CA PHE A 7 3.19 -2.10 -14.28
C PHE A 7 4.71 -2.05 -14.31
N LEU A 8 5.31 -3.11 -14.86
CA LEU A 8 6.77 -3.26 -14.86
C LEU A 8 7.49 -2.26 -15.77
N GLU A 9 6.73 -1.56 -16.61
CA GLU A 9 7.28 -0.56 -17.51
C GLU A 9 7.80 0.66 -16.76
N LEU A 10 7.26 0.92 -15.58
CA LEU A 10 7.71 2.04 -14.74
C LEU A 10 9.17 1.92 -14.31
N GLU A 11 9.60 0.69 -14.00
CA GLU A 11 10.99 0.43 -13.61
C GLU A 11 11.99 0.62 -14.75
N ARG A 12 11.60 0.19 -15.95
CA ARG A 12 12.52 0.14 -17.09
C ARG A 12 12.72 1.50 -17.78
N SER A 13 11.95 2.50 -17.34
CA SER A 13 12.02 3.84 -17.92
C SER A 13 13.36 4.53 -17.68
N SER A 14 13.76 5.36 -18.63
CA SER A 14 14.99 6.15 -18.52
C SER A 14 14.64 7.62 -18.28
N GLY A 15 15.02 8.13 -17.11
CA GLY A 15 14.81 9.53 -16.76
C GLY A 15 13.42 9.86 -16.25
N LYS A 16 13.27 11.06 -15.70
CA LYS A 16 12.01 11.51 -15.12
C LYS A 16 10.92 11.77 -16.17
N LEU A 17 11.28 12.37 -17.30
CA LEU A 17 10.29 12.70 -18.35
C LEU A 17 9.60 11.43 -18.87
N GLU A 18 10.38 10.40 -19.15
CA GLU A 18 9.82 9.14 -19.64
C GLU A 18 8.99 8.43 -18.56
N TRP A 19 9.50 8.39 -17.33
CA TRP A 19 8.74 7.84 -16.19
C TRP A 19 7.40 8.55 -16.01
N SER A 20 7.44 9.89 -16.06
CA SER A 20 6.23 10.73 -16.00
C SER A 20 5.28 10.42 -17.16
N ALA A 21 5.83 10.33 -18.37
CA ALA A 21 5.06 10.00 -19.56
C ALA A 21 4.37 8.63 -19.42
N ILE A 22 5.11 7.64 -18.90
CA ILE A 22 4.57 6.31 -18.66
C ILE A 22 3.46 6.37 -17.61
N LEU A 23 3.72 7.04 -16.49
CA LEU A 23 2.73 7.13 -15.41
C LEU A 23 1.46 7.84 -15.87
N GLN A 24 1.63 8.94 -16.59
CA GLN A 24 0.51 9.72 -17.13
C GLN A 24 -0.34 8.92 -18.09
N LYS A 25 0.31 8.18 -18.99
CA LYS A 25 -0.40 7.36 -19.97
C LYS A 25 -1.13 6.19 -19.30
N MET A 26 -0.50 5.58 -18.30
CA MET A 26 -1.15 4.55 -17.50
C MET A 26 -2.43 5.08 -16.87
N ALA A 27 -2.33 6.28 -16.30
CA ALA A 27 -3.48 6.95 -15.69
C ALA A 27 -4.51 7.33 -16.75
N SER A 28 -4.02 7.88 -17.86
CA SER A 28 -4.84 8.31 -19.00
C SER A 28 -5.59 7.15 -19.65
N ASP A 29 -4.88 6.05 -19.90
CA ASP A 29 -5.49 4.83 -20.45
C ASP A 29 -6.51 4.27 -19.49
N LEU A 30 -6.25 4.42 -18.20
CA LEU A 30 -7.17 3.96 -17.16
C LEU A 30 -8.42 4.83 -17.13
N GLY A 31 -8.27 6.11 -17.48
CA GLY A 31 -9.39 7.03 -17.61
C GLY A 31 -9.28 8.34 -16.82
N PHE A 32 -8.11 8.57 -16.21
CA PHE A 32 -7.87 9.80 -15.43
C PHE A 32 -7.03 10.82 -16.21
N SER A 33 -7.63 11.95 -16.54
CA SER A 33 -6.99 12.94 -17.41
C SER A 33 -5.87 13.71 -16.73
N LYS A 34 -5.99 13.90 -15.41
CA LYS A 34 -5.02 14.68 -14.64
C LYS A 34 -4.50 13.89 -13.45
N ILE A 35 -3.19 13.93 -13.24
CA ILE A 35 -2.60 13.26 -12.07
C ILE A 35 -1.48 14.11 -11.48
N LEU A 36 -1.27 13.95 -10.17
CA LEU A 36 -0.08 14.48 -9.50
C LEU A 36 0.54 13.40 -8.61
N PHE A 37 1.83 13.19 -8.78
CA PHE A 37 2.61 12.26 -7.97
C PHE A 37 3.58 13.13 -7.22
N GLY A 38 3.53 13.06 -5.91
CA GLY A 38 4.38 13.90 -5.06
C GLY A 38 5.03 13.03 -4.01
N LEU A 39 6.32 13.27 -3.76
CA LEU A 39 7.06 12.46 -2.81
C LEU A 39 8.01 13.35 -2.01
N LEU A 40 7.99 13.17 -0.70
CA LEU A 40 8.94 13.82 0.19
C LEU A 40 9.74 12.76 0.94
N PRO A 41 11.00 13.10 1.30
CA PRO A 41 11.78 12.21 2.17
C PRO A 41 11.24 12.20 3.59
N LYS A 42 11.60 11.17 4.35
CA LYS A 42 11.22 11.05 5.76
C LYS A 42 11.50 12.35 6.52
N ASP A 43 10.59 12.70 7.42
CA ASP A 43 10.75 13.86 8.33
C ASP A 43 10.76 15.22 7.62
N SER A 44 10.09 15.29 6.47
CA SER A 44 9.93 16.56 5.78
C SER A 44 8.46 16.88 5.58
N GLN A 45 8.11 18.16 5.69
CA GLN A 45 6.77 18.64 5.43
C GLN A 45 6.81 19.79 4.43
N ASP A 46 7.91 19.88 3.70
CA ASP A 46 8.12 20.97 2.75
C ASP A 46 7.54 20.56 1.40
N TYR A 47 6.22 20.54 1.32
CA TYR A 47 5.49 20.09 0.13
C TYR A 47 5.85 20.92 -1.09
N GLU A 48 6.10 22.21 -0.85
CA GLU A 48 6.54 23.18 -1.85
C GLU A 48 7.64 22.62 -2.75
N ASN A 49 8.54 21.87 -2.12
CA ASN A 49 9.75 21.39 -2.77
C ASN A 49 9.80 19.86 -2.82
N ALA A 50 8.64 19.23 -2.94
CA ALA A 50 8.56 17.80 -3.14
C ALA A 50 9.03 17.40 -4.54
N PHE A 51 9.37 16.13 -4.69
CA PHE A 51 9.53 15.53 -6.00
C PHE A 51 8.11 15.41 -6.56
N ILE A 52 7.83 16.15 -7.62
CA ILE A 52 6.48 16.15 -8.21
C ILE A 52 6.51 15.78 -9.69
N VAL A 53 5.61 14.86 -10.05
CA VAL A 53 5.41 14.40 -11.43
C VAL A 53 3.93 14.54 -11.75
N GLY A 54 3.62 14.92 -12.99
CA GLY A 54 2.23 14.94 -13.44
C GLY A 54 1.87 16.09 -14.35
N ASN A 55 0.58 16.24 -14.62
CA ASN A 55 0.11 17.18 -15.62
C ASN A 55 -0.99 18.11 -15.13
N TYR A 56 -1.05 18.30 -13.81
CA TYR A 56 -1.88 19.37 -13.24
C TYR A 56 -1.52 20.70 -13.93
N PRO A 57 -2.51 21.58 -14.13
CA PRO A 57 -2.19 22.86 -14.78
C PRO A 57 -1.09 23.59 -13.99
N ALA A 58 -0.09 24.10 -14.70
CA ALA A 58 1.08 24.72 -14.06
C ALA A 58 0.67 25.84 -13.13
N ALA A 59 -0.26 26.68 -13.59
CA ALA A 59 -0.75 27.82 -12.82
C ALA A 59 -1.39 27.40 -11.50
N TRP A 60 -2.09 26.27 -11.52
CA TRP A 60 -2.69 25.70 -10.30
C TRP A 60 -1.61 25.24 -9.31
N ARG A 61 -0.62 24.50 -9.82
CA ARG A 61 0.50 24.06 -8.99
C ARG A 61 1.16 25.26 -8.31
N GLU A 62 1.40 26.32 -9.09
CA GLU A 62 1.97 27.57 -8.58
C GLU A 62 1.05 28.24 -7.54
N HIS A 63 -0.24 28.29 -7.82
CA HIS A 63 -1.20 28.90 -6.91
C HIS A 63 -1.27 28.12 -5.59
N TYR A 64 -1.30 26.79 -5.69
CA TYR A 64 -1.37 25.93 -4.50
C TYR A 64 -0.22 26.20 -3.55
N ASP A 65 0.99 26.28 -4.09
CA ASP A 65 2.19 26.60 -3.31
C ASP A 65 2.12 27.99 -2.69
N ARG A 66 1.74 28.99 -3.50
CA ARG A 66 1.66 30.40 -3.08
C ARG A 66 0.67 30.61 -1.95
N ALA A 67 -0.51 30.00 -2.08
CA ALA A 67 -1.61 30.20 -1.13
C ALA A 67 -1.48 29.37 0.15
N GLY A 68 -0.43 28.56 0.23
CA GLY A 68 -0.19 27.69 1.39
C GLY A 68 -1.25 26.61 1.58
N TYR A 69 -1.80 26.11 0.47
CA TYR A 69 -2.86 25.12 0.52
C TYR A 69 -2.46 23.77 1.11
N ALA A 70 -1.15 23.49 1.18
CA ALA A 70 -0.71 22.26 1.82
C ALA A 70 -1.14 22.19 3.29
N ARG A 71 -1.34 23.35 3.90
CA ARG A 71 -1.80 23.45 5.29
C ARG A 71 -3.32 23.26 5.44
N VAL A 72 -4.03 23.27 4.32
CA VAL A 72 -5.49 23.38 4.29
C VAL A 72 -6.11 22.14 3.60
N ASP A 73 -5.47 21.72 2.51
CA ASP A 73 -5.91 20.60 1.70
C ASP A 73 -6.24 19.38 2.59
N PRO A 74 -7.50 18.93 2.62
CA PRO A 74 -7.86 17.81 3.50
C PRO A 74 -7.14 16.51 3.16
N THR A 75 -6.66 16.38 1.93
CA THR A 75 -5.99 15.16 1.53
C THR A 75 -4.59 15.07 2.12
N VAL A 76 -3.98 16.23 2.40
CA VAL A 76 -2.62 16.28 2.97
C VAL A 76 -2.60 15.71 4.39
N SER A 77 -3.47 16.22 5.26
CA SER A 77 -3.57 15.71 6.63
C SER A 77 -4.02 14.26 6.64
N HIS A 78 -4.89 13.89 5.69
CA HIS A 78 -5.31 12.50 5.59
C HIS A 78 -4.11 11.58 5.37
N CYS A 79 -3.23 11.99 4.45
CA CYS A 79 -2.06 11.20 4.09
C CYS A 79 -1.11 10.95 5.28
N THR A 80 -1.01 11.92 6.17
CA THR A 80 -0.18 11.77 7.37
C THR A 80 -0.73 10.72 8.34
N GLN A 81 -2.03 10.45 8.28
CA GLN A 81 -2.67 9.54 9.23
C GLN A 81 -3.07 8.19 8.64
N SER A 82 -3.04 8.04 7.32
CA SER A 82 -3.64 6.88 6.69
C SER A 82 -2.91 6.37 5.43
N VAL A 83 -3.12 5.08 5.18
CA VAL A 83 -2.71 4.42 3.94
C VAL A 83 -3.89 4.17 2.99
N LEU A 84 -5.09 4.55 3.43
CA LEU A 84 -6.30 4.33 2.63
C LEU A 84 -6.62 5.54 1.75
N PRO A 85 -7.20 5.32 0.56
CA PRO A 85 -7.52 6.44 -0.34
C PRO A 85 -8.56 7.38 0.27
N ILE A 86 -8.50 8.64 -0.14
CA ILE A 86 -9.53 9.62 0.20
C ILE A 86 -10.11 10.16 -1.09
N PHE A 87 -11.42 9.97 -1.28
CA PHE A 87 -12.11 10.43 -2.47
C PHE A 87 -12.51 11.87 -2.30
N TRP A 88 -12.48 12.62 -3.40
CA TRP A 88 -12.78 14.05 -3.36
C TRP A 88 -14.28 14.25 -3.33
N GLU A 89 -14.86 14.05 -2.16
CA GLU A 89 -16.29 14.17 -1.94
C GLU A 89 -16.54 15.47 -1.19
N PRO A 90 -17.77 16.04 -1.30
CA PRO A 90 -18.08 17.26 -0.54
C PRO A 90 -17.75 17.14 0.95
N SER A 91 -17.97 15.95 1.52
CA SER A 91 -17.77 15.69 2.94
C SER A 91 -16.34 15.88 3.44
N ILE A 92 -15.35 15.84 2.56
CA ILE A 92 -13.96 16.04 3.00
C ILE A 92 -13.56 17.52 3.17
N TYR A 93 -14.35 18.42 2.59
CA TYR A 93 -14.10 19.86 2.70
C TYR A 93 -14.97 20.44 3.81
N GLN A 94 -14.52 20.22 5.04
CA GLN A 94 -15.30 20.47 6.25
C GLN A 94 -15.18 21.89 6.78
N THR A 95 -14.00 22.48 6.64
CA THR A 95 -13.76 23.82 7.17
C THR A 95 -14.07 24.84 6.08
N ARG A 96 -14.35 26.08 6.48
CA ARG A 96 -14.60 27.15 5.52
C ARG A 96 -13.42 27.38 4.57
N LYS A 97 -12.20 27.19 5.05
CA LYS A 97 -11.01 27.36 4.22
C LYS A 97 -10.88 26.22 3.21
N GLN A 98 -11.29 25.02 3.61
CA GLN A 98 -11.29 23.87 2.70
C GLN A 98 -12.33 24.01 1.60
N HIS A 99 -13.42 24.71 1.89
CA HIS A 99 -14.40 25.07 0.87
C HIS A 99 -13.77 25.98 -0.17
N GLU A 100 -13.01 26.95 0.31
CA GLU A 100 -12.24 27.83 -0.55
C GLU A 100 -11.28 26.99 -1.39
N PHE A 101 -10.63 26.01 -0.77
CA PHE A 101 -9.72 25.12 -1.50
C PHE A 101 -10.46 24.35 -2.61
N PHE A 102 -11.61 23.78 -2.27
CA PHE A 102 -12.44 23.07 -3.26
C PHE A 102 -12.78 23.95 -4.46
N GLU A 103 -13.16 25.20 -4.18
CA GLU A 103 -13.55 26.12 -5.24
C GLU A 103 -12.38 26.46 -6.17
N GLU A 104 -11.22 26.71 -5.59
CA GLU A 104 -10.04 27.03 -6.37
C GLU A 104 -9.54 25.83 -7.18
N ALA A 105 -9.56 24.65 -6.57
CA ALA A 105 -9.22 23.43 -7.30
C ALA A 105 -10.20 23.18 -8.44
N SER A 106 -11.49 23.43 -8.17
CA SER A 106 -12.54 23.32 -9.19
C SER A 106 -12.29 24.28 -10.36
N ALA A 107 -11.78 25.47 -10.06
CA ALA A 107 -11.45 26.47 -11.06
C ALA A 107 -10.31 26.01 -11.98
N ALA A 108 -9.52 25.06 -11.51
CA ALA A 108 -8.45 24.48 -12.29
C ALA A 108 -8.92 23.22 -13.02
N GLY A 109 -10.20 22.90 -12.89
CA GLY A 109 -10.78 21.72 -13.54
C GLY A 109 -10.63 20.44 -12.74
N LEU A 110 -10.19 20.58 -11.49
CA LEU A 110 -9.97 19.42 -10.64
C LEU A 110 -11.09 19.37 -9.63
N VAL A 111 -12.12 18.60 -9.94
CA VAL A 111 -13.28 18.49 -9.05
C VAL A 111 -13.53 17.06 -8.60
N TYR A 112 -13.48 16.10 -9.53
CA TYR A 112 -13.71 14.70 -9.20
C TYR A 112 -12.42 13.92 -9.17
N GLY A 113 -12.28 13.03 -8.20
CA GLY A 113 -11.08 12.23 -8.11
C GLY A 113 -10.80 11.66 -6.74
N LEU A 114 -9.55 11.26 -6.52
CA LEU A 114 -9.13 10.66 -5.27
C LEU A 114 -7.64 10.85 -5.07
N THR A 115 -7.21 10.73 -3.83
CA THR A 115 -5.79 10.80 -3.49
C THR A 115 -5.44 9.52 -2.75
N MET A 116 -4.39 8.85 -3.23
CA MET A 116 -3.88 7.64 -2.61
C MET A 116 -2.63 8.04 -1.84
N PRO A 117 -2.67 7.91 -0.50
CA PRO A 117 -1.46 8.16 0.29
C PRO A 117 -0.32 7.23 -0.11
N LEU A 118 0.90 7.73 -0.06
CA LEU A 118 2.06 6.91 -0.32
C LEU A 118 2.94 6.95 0.91
N HIS A 119 3.28 5.76 1.42
CA HIS A 119 4.23 5.64 2.50
C HIS A 119 5.27 4.59 2.15
N GLY A 120 6.49 5.05 1.93
CA GLY A 120 7.56 4.20 1.40
C GLY A 120 8.28 3.37 2.44
N ALA A 121 8.98 2.36 1.95
CA ALA A 121 9.78 1.48 2.79
C ALA A 121 10.83 2.26 3.58
N ARG A 122 11.28 3.38 3.02
CA ARG A 122 12.31 4.19 3.68
C ARG A 122 11.74 5.45 4.37
N GLY A 123 10.43 5.46 4.59
CA GLY A 123 9.79 6.54 5.34
C GLY A 123 9.38 7.71 4.46
N GLU A 124 9.55 7.56 3.15
CA GLU A 124 9.05 8.51 2.17
C GLU A 124 7.55 8.74 2.37
N LEU A 125 7.13 10.00 2.26
CA LEU A 125 5.73 10.35 2.39
C LEU A 125 5.30 10.98 1.09
N GLY A 126 4.21 10.49 0.53
CA GLY A 126 3.79 11.00 -0.76
C GLY A 126 2.31 10.87 -0.98
N ALA A 127 1.92 11.22 -2.21
CA ALA A 127 0.54 11.06 -2.64
C ALA A 127 0.46 10.89 -4.14
N LEU A 128 -0.40 9.97 -4.57
CA LEU A 128 -0.81 9.93 -5.96
C LEU A 128 -2.26 10.39 -6.03
N SER A 129 -2.46 11.57 -6.62
CA SER A 129 -3.80 12.16 -6.80
C SER A 129 -4.20 12.01 -8.26
N LEU A 130 -5.43 11.58 -8.49
CA LEU A 130 -5.94 11.40 -9.84
C LEU A 130 -7.31 12.05 -9.95
N SER A 131 -7.50 12.81 -11.03
CA SER A 131 -8.80 13.43 -11.30
C SER A 131 -9.44 12.86 -12.56
N VAL A 132 -10.76 12.79 -12.53
CA VAL A 132 -11.54 12.27 -13.64
C VAL A 132 -12.55 13.33 -14.11
N GLU A 133 -12.62 13.51 -15.43
CA GLU A 133 -13.65 14.32 -16.08
C GLU A 133 -14.97 13.59 -15.96
N ALA A 134 -16.00 14.27 -15.45
CA ALA A 134 -17.33 13.68 -15.33
C ALA A 134 -18.43 14.74 -15.39
N GLU A 135 -19.62 14.31 -15.79
CA GLU A 135 -20.81 15.16 -15.81
C GLU A 135 -21.27 15.47 -14.39
N ASN A 136 -21.16 14.47 -13.52
CA ASN A 136 -21.58 14.60 -12.13
C ASN A 136 -20.79 13.70 -11.20
N ARG A 137 -21.08 13.80 -9.91
CA ARG A 137 -20.41 13.01 -8.88
C ARG A 137 -20.67 11.51 -9.01
N ALA A 138 -21.94 11.13 -9.15
CA ALA A 138 -22.35 9.73 -9.22
C ALA A 138 -21.62 8.98 -10.33
N GLU A 139 -21.54 9.61 -11.49
CA GLU A 139 -20.83 9.06 -12.64
C GLU A 139 -19.33 8.89 -12.35
N ALA A 140 -18.73 9.94 -11.79
CA ALA A 140 -17.30 9.92 -11.46
C ALA A 140 -16.99 8.80 -10.48
N ASN A 141 -17.82 8.66 -9.46
CA ASN A 141 -17.70 7.60 -8.47
C ASN A 141 -17.83 6.19 -9.01
N ARG A 142 -18.71 5.99 -9.97
CA ARG A 142 -18.81 4.69 -10.61
C ARG A 142 -17.58 4.36 -11.46
N PHE A 143 -17.08 5.34 -12.21
CA PHE A 143 -15.84 5.13 -12.96
C PHE A 143 -14.71 4.75 -12.01
N MET A 144 -14.55 5.52 -10.93
CA MET A 144 -13.46 5.26 -10.00
C MET A 144 -13.58 3.88 -9.33
N GLU A 145 -14.79 3.52 -8.91
CA GLU A 145 -15.02 2.19 -8.36
C GLU A 145 -14.61 1.10 -9.36
N SER A 146 -14.87 1.35 -10.64
CA SER A 146 -14.63 0.33 -11.67
C SER A 146 -13.15 0.09 -11.97
N VAL A 147 -12.26 0.92 -11.42
CA VAL A 147 -10.83 0.78 -11.68
C VAL A 147 -10.03 0.81 -10.38
N LEU A 148 -10.73 0.87 -9.26
CA LEU A 148 -10.08 1.01 -7.94
C LEU A 148 -9.02 -0.04 -7.60
N PRO A 149 -9.30 -1.34 -7.86
CA PRO A 149 -8.27 -2.35 -7.55
C PRO A 149 -6.99 -2.15 -8.38
N THR A 150 -7.16 -1.81 -9.66
CA THR A 150 -6.04 -1.51 -10.55
C THR A 150 -5.24 -0.29 -10.05
N LEU A 151 -5.95 0.77 -9.67
CA LEU A 151 -5.31 1.96 -9.08
C LEU A 151 -4.56 1.65 -7.80
N TRP A 152 -5.15 0.77 -6.99
CA TRP A 152 -4.57 0.42 -5.68
C TRP A 152 -3.22 -0.26 -5.86
N MET A 153 -3.10 -1.11 -6.88
CA MET A 153 -1.80 -1.66 -7.26
C MET A 153 -0.90 -0.59 -7.87
N LEU A 154 -1.45 0.19 -8.81
CA LEU A 154 -0.71 1.26 -9.47
C LEU A 154 0.02 2.16 -8.49
N LYS A 155 -0.68 2.67 -7.48
CA LYS A 155 -0.05 3.60 -6.53
C LYS A 155 1.20 3.04 -5.83
N ASP A 156 1.19 1.74 -5.50
CA ASP A 156 2.37 1.13 -4.88
C ASP A 156 3.52 0.89 -5.88
N TYR A 157 3.20 0.45 -7.09
CA TYR A 157 4.19 0.37 -8.16
C TYR A 157 4.82 1.75 -8.45
N ALA A 158 3.98 2.79 -8.44
CA ALA A 158 4.44 4.16 -8.65
C ALA A 158 5.32 4.62 -7.48
N LEU A 159 4.94 4.28 -6.26
CA LEU A 159 5.75 4.62 -5.07
C LEU A 159 7.12 3.97 -5.15
N GLN A 160 7.14 2.66 -5.39
CA GLN A 160 8.39 1.90 -5.38
C GLN A 160 9.35 2.40 -6.46
N SER A 161 8.83 2.59 -7.67
CA SER A 161 9.64 3.06 -8.79
C SER A 161 9.99 4.53 -8.63
N GLY A 162 8.98 5.31 -8.24
CA GLY A 162 9.14 6.75 -8.00
C GLY A 162 10.19 7.10 -6.96
N ALA A 163 10.18 6.38 -5.84
CA ALA A 163 11.18 6.59 -4.81
C ALA A 163 12.57 6.16 -5.30
N GLY A 164 12.60 5.14 -6.15
CA GLY A 164 13.84 4.66 -6.75
C GLY A 164 14.45 5.74 -7.60
N LEU A 165 13.60 6.40 -8.39
CA LEU A 165 14.01 7.48 -9.30
C LEU A 165 14.55 8.67 -8.54
N ALA A 166 13.83 9.05 -7.48
CA ALA A 166 14.13 10.26 -6.72
C ALA A 166 15.28 10.12 -5.72
N PHE A 167 15.49 8.91 -5.21
CA PHE A 167 16.45 8.68 -4.12
C PHE A 167 17.67 7.83 -4.48
N GLU A 168 17.59 7.04 -5.54
CA GLU A 168 18.71 6.17 -5.93
C GLU A 168 18.85 6.02 -7.44
N ASP B 5 -17.18 -2.48 0.95
CA ASP B 5 -17.88 -2.30 2.26
C ASP B 5 -17.58 -3.46 3.19
N GLY B 6 -17.07 -4.56 2.63
CA GLY B 6 -16.67 -5.73 3.40
C GLY B 6 -15.49 -5.43 4.30
N PHE B 7 -14.59 -4.58 3.81
CA PHE B 7 -13.38 -4.19 4.54
C PHE B 7 -13.69 -3.39 5.81
N LEU B 8 -14.87 -2.77 5.85
CA LEU B 8 -15.31 -1.94 6.98
C LEU B 8 -15.44 -2.70 8.30
N GLU B 9 -15.66 -4.01 8.23
CA GLU B 9 -15.80 -4.81 9.45
C GLU B 9 -14.48 -4.96 10.22
N LEU B 10 -13.37 -4.66 9.55
CA LEU B 10 -12.05 -4.68 10.20
C LEU B 10 -11.88 -3.54 11.21
N GLU B 11 -12.47 -2.38 10.89
CA GLU B 11 -12.46 -1.25 11.82
C GLU B 11 -13.51 -1.41 12.93
N ARG B 12 -14.61 -2.08 12.59
CA ARG B 12 -15.70 -2.30 13.54
C ARG B 12 -15.36 -3.33 14.61
N SER B 13 -14.29 -4.08 14.39
CA SER B 13 -13.88 -5.14 15.32
C SER B 13 -13.33 -4.59 16.61
N SER B 14 -13.75 -5.21 17.71
CA SER B 14 -13.30 -4.84 19.05
C SER B 14 -12.44 -5.95 19.61
N GLY B 15 -11.13 -5.71 19.67
CA GLY B 15 -10.19 -6.68 20.22
C GLY B 15 -9.51 -7.54 19.17
N LYS B 16 -8.35 -8.07 19.55
CA LYS B 16 -7.53 -8.88 18.65
C LYS B 16 -8.22 -10.16 18.20
N LEU B 17 -8.98 -10.80 19.09
CA LEU B 17 -9.66 -12.05 18.72
C LEU B 17 -10.64 -11.81 17.57
N GLU B 18 -11.49 -10.79 17.75
CA GLU B 18 -12.48 -10.43 16.76
C GLU B 18 -11.82 -10.02 15.44
N TRP B 19 -10.78 -9.20 15.52
CA TRP B 19 -10.08 -8.70 14.34
C TRP B 19 -9.43 -9.86 13.58
N SER B 20 -8.76 -10.74 14.33
CA SER B 20 -8.10 -11.91 13.75
C SER B 20 -9.09 -12.80 13.00
N ALA B 21 -10.26 -13.02 13.60
CA ALA B 21 -11.30 -13.84 12.97
C ALA B 21 -11.77 -13.28 11.63
N ILE B 22 -12.01 -11.97 11.59
CA ILE B 22 -12.45 -11.28 10.36
C ILE B 22 -11.36 -11.32 9.29
N LEU B 23 -10.14 -10.95 9.65
CA LEU B 23 -9.02 -11.00 8.70
C LEU B 23 -8.83 -12.40 8.11
N GLN B 24 -8.84 -13.41 8.97
CA GLN B 24 -8.68 -14.80 8.53
C GLN B 24 -9.78 -15.23 7.58
N LYS B 25 -11.01 -14.83 7.89
CA LYS B 25 -12.17 -15.15 7.06
C LYS B 25 -12.05 -14.50 5.67
N MET B 26 -11.68 -13.22 5.65
CA MET B 26 -11.48 -12.52 4.38
C MET B 26 -10.38 -13.18 3.58
N ALA B 27 -9.27 -13.51 4.24
CA ALA B 27 -8.17 -14.19 3.56
C ALA B 27 -8.53 -15.59 3.07
N SER B 28 -9.25 -16.36 3.90
CA SER B 28 -9.69 -17.71 3.55
C SER B 28 -10.65 -17.72 2.35
N ASP B 29 -11.51 -16.71 2.27
CA ASP B 29 -12.41 -16.59 1.13
C ASP B 29 -11.68 -16.41 -0.19
N LEU B 30 -10.51 -15.78 -0.11
CA LEU B 30 -9.63 -15.54 -1.25
C LEU B 30 -8.70 -16.72 -1.56
N GLY B 31 -8.84 -17.81 -0.81
CA GLY B 31 -8.04 -19.02 -1.01
C GLY B 31 -6.78 -19.13 -0.15
N PHE B 32 -6.62 -18.22 0.81
CA PHE B 32 -5.49 -18.28 1.74
C PHE B 32 -5.90 -18.83 3.11
N SER B 33 -5.61 -20.10 3.34
CA SER B 33 -6.06 -20.79 4.54
C SER B 33 -5.17 -20.56 5.77
N LYS B 34 -3.95 -20.09 5.53
CA LYS B 34 -3.02 -19.74 6.61
C LYS B 34 -2.47 -18.34 6.37
N ILE B 35 -2.55 -17.50 7.41
CA ILE B 35 -2.05 -16.13 7.32
C ILE B 35 -1.34 -15.73 8.58
N LEU B 36 -0.36 -14.84 8.43
CA LEU B 36 0.27 -14.16 9.56
C LEU B 36 0.38 -12.68 9.23
N PHE B 37 -0.20 -11.86 10.10
CA PHE B 37 -0.08 -10.41 10.07
C PHE B 37 0.85 -10.05 11.23
N GLY B 38 1.96 -9.40 10.91
CA GLY B 38 2.94 -9.01 11.91
C GLY B 38 3.25 -7.53 11.79
N LEU B 39 3.29 -6.84 12.93
CA LEU B 39 3.49 -5.39 12.90
C LEU B 39 4.37 -4.91 14.05
N LEU B 40 5.34 -4.06 13.70
CA LEU B 40 6.23 -3.41 14.67
C LEU B 40 5.99 -1.91 14.64
N PRO B 41 5.99 -1.27 15.82
CA PRO B 41 5.83 0.19 15.87
C PRO B 41 7.09 0.88 15.36
N LYS B 42 6.97 2.19 15.14
CA LYS B 42 8.04 3.04 14.62
C LYS B 42 9.36 2.82 15.34
N ASP B 43 10.41 2.55 14.57
CA ASP B 43 11.80 2.45 15.06
C ASP B 43 12.13 1.24 15.95
N SER B 44 11.15 0.35 16.14
CA SER B 44 11.36 -0.89 16.87
C SER B 44 11.91 -1.95 15.93
N GLN B 45 12.96 -2.66 16.36
CA GLN B 45 13.61 -3.67 15.53
C GLN B 45 13.37 -5.11 15.99
N ASP B 46 12.98 -5.27 17.26
CA ASP B 46 12.80 -6.59 17.87
C ASP B 46 11.52 -7.29 17.41
N TYR B 47 11.69 -8.28 16.54
CA TYR B 47 10.57 -9.02 15.93
C TYR B 47 9.78 -9.91 16.89
N GLU B 48 10.27 -10.06 18.12
CA GLU B 48 9.64 -10.91 19.13
C GLU B 48 8.36 -10.28 19.71
N ASN B 49 8.51 -9.10 20.33
CA ASN B 49 7.37 -8.39 20.91
C ASN B 49 6.48 -7.69 19.87
N ALA B 50 6.63 -8.10 18.61
CA ALA B 50 5.78 -7.63 17.51
C ALA B 50 4.32 -7.98 17.76
N PHE B 51 3.43 -7.15 17.25
CA PHE B 51 1.99 -7.44 17.24
C PHE B 51 1.72 -8.45 16.12
N ILE B 52 1.42 -9.67 16.50
CA ILE B 52 1.29 -10.77 15.53
C ILE B 52 -0.13 -11.35 15.58
N VAL B 53 -0.74 -11.49 14.43
CA VAL B 53 -2.10 -12.01 14.33
C VAL B 53 -2.14 -13.10 13.26
N GLY B 54 -2.96 -14.12 13.50
CA GLY B 54 -3.31 -15.06 12.45
C GLY B 54 -3.40 -16.49 12.91
N ASN B 55 -3.34 -17.41 11.95
CA ASN B 55 -3.55 -18.82 12.22
C ASN B 55 -2.43 -19.73 11.73
N TYR B 56 -1.22 -19.17 11.57
CA TYR B 56 -0.05 -20.02 11.37
C TYR B 56 0.01 -20.96 12.57
N PRO B 57 0.40 -22.23 12.32
CA PRO B 57 0.51 -23.18 13.43
C PRO B 57 1.41 -22.60 14.52
N ALA B 58 0.98 -22.69 15.77
CA ALA B 58 1.73 -22.09 16.87
C ALA B 58 3.15 -22.66 16.95
N ALA B 59 3.26 -23.96 16.72
CA ALA B 59 4.56 -24.66 16.78
C ALA B 59 5.54 -24.12 15.75
N TRP B 60 5.02 -23.73 14.59
CA TRP B 60 5.84 -23.15 13.52
C TRP B 60 6.29 -21.72 13.88
N ARG B 61 5.38 -20.91 14.40
CA ARG B 61 5.73 -19.57 14.88
C ARG B 61 6.82 -19.61 15.96
N GLU B 62 6.69 -20.56 16.88
CA GLU B 62 7.68 -20.73 17.93
C GLU B 62 9.02 -21.16 17.35
N HIS B 63 8.98 -22.08 16.39
CA HIS B 63 10.20 -22.61 15.79
C HIS B 63 10.96 -21.59 14.95
N TYR B 64 10.19 -20.80 14.19
CA TYR B 64 10.74 -19.71 13.38
C TYR B 64 11.56 -18.75 14.24
N ASP B 65 11.03 -18.40 15.41
CA ASP B 65 11.74 -17.56 16.36
C ASP B 65 12.95 -18.25 16.97
N ARG B 66 12.73 -19.45 17.50
CA ARG B 66 13.80 -20.25 18.10
C ARG B 66 14.99 -20.46 17.16
N ALA B 67 14.71 -20.90 15.93
CA ALA B 67 15.75 -21.25 14.97
C ALA B 67 16.41 -20.04 14.32
N GLY B 68 15.87 -18.84 14.60
CA GLY B 68 16.37 -17.60 14.01
C GLY B 68 16.21 -17.57 12.50
N TYR B 69 15.02 -17.95 12.03
CA TYR B 69 14.75 -18.00 10.58
C TYR B 69 14.58 -16.63 9.92
N ALA B 70 14.35 -15.60 10.73
CA ALA B 70 14.16 -14.23 10.24
C ALA B 70 15.35 -13.71 9.40
N ARG B 71 16.54 -14.22 9.67
CA ARG B 71 17.73 -13.77 8.95
C ARG B 71 17.97 -14.61 7.69
N VAL B 72 17.14 -15.63 7.49
CA VAL B 72 17.26 -16.56 6.37
C VAL B 72 16.04 -16.43 5.43
N ASP B 73 14.94 -15.97 6.01
CA ASP B 73 13.67 -15.72 5.32
C ASP B 73 13.85 -14.51 4.39
N PRO B 74 13.80 -14.73 3.06
CA PRO B 74 14.04 -13.64 2.10
C PRO B 74 13.00 -12.52 2.17
N THR B 75 11.81 -12.82 2.69
CA THR B 75 10.74 -11.82 2.76
C THR B 75 11.06 -10.71 3.76
N VAL B 76 11.85 -11.04 4.78
CA VAL B 76 12.19 -10.07 5.82
C VAL B 76 12.99 -8.88 5.28
N SER B 77 14.13 -9.14 4.62
CA SER B 77 14.92 -8.04 4.06
C SER B 77 14.18 -7.36 2.92
N HIS B 78 13.35 -8.13 2.20
CA HIS B 78 12.53 -7.53 1.16
C HIS B 78 11.58 -6.46 1.70
N CYS B 79 10.92 -6.77 2.82
CA CYS B 79 9.92 -5.89 3.42
C CYS B 79 10.51 -4.56 3.89
N THR B 80 11.78 -4.56 4.28
CA THR B 80 12.43 -3.35 4.75
C THR B 80 12.80 -2.42 3.59
N GLN B 81 12.76 -2.96 2.37
CA GLN B 81 13.21 -2.25 1.16
C GLN B 81 12.14 -1.98 0.11
N SER B 82 10.98 -2.61 0.26
CA SER B 82 9.95 -2.53 -0.77
C SER B 82 8.53 -2.51 -0.21
N VAL B 83 7.61 -1.96 -0.99
CA VAL B 83 6.18 -2.01 -0.68
C VAL B 83 5.48 -3.02 -1.59
N LEU B 84 6.25 -3.67 -2.45
CA LEU B 84 5.69 -4.61 -3.41
C LEU B 84 5.69 -6.03 -2.84
N PRO B 85 4.72 -6.87 -3.25
CA PRO B 85 4.68 -8.23 -2.73
C PRO B 85 5.85 -9.06 -3.21
N ILE B 86 6.19 -10.06 -2.41
CA ILE B 86 7.20 -11.04 -2.80
C ILE B 86 6.60 -12.44 -2.69
N PHE B 87 6.69 -13.20 -3.78
CA PHE B 87 6.23 -14.58 -3.80
C PHE B 87 7.32 -15.43 -3.16
N TRP B 88 6.90 -16.40 -2.36
CA TRP B 88 7.85 -17.28 -1.66
C TRP B 88 8.57 -18.18 -2.66
N GLU B 89 9.90 -18.09 -2.70
CA GLU B 89 10.73 -18.79 -3.69
C GLU B 89 12.09 -19.04 -3.04
N PRO B 90 12.54 -20.30 -3.01
CA PRO B 90 13.86 -20.59 -2.44
C PRO B 90 14.96 -20.11 -3.40
N SER B 91 16.13 -19.78 -2.86
CA SER B 91 17.25 -19.27 -3.68
C SER B 91 17.95 -20.35 -4.51
N ILE B 92 17.85 -21.61 -4.10
CA ILE B 92 18.40 -22.75 -4.87
C ILE B 92 19.95 -22.81 -4.98
N TYR B 93 20.66 -21.72 -4.66
CA TYR B 93 21.93 -21.87 -3.96
C TYR B 93 21.62 -21.52 -2.52
N GLN B 94 21.35 -22.54 -1.72
CA GLN B 94 20.93 -22.31 -0.36
C GLN B 94 21.79 -23.01 0.69
N THR B 95 21.89 -22.33 1.83
CA THR B 95 22.57 -22.82 2.99
C THR B 95 21.68 -23.86 3.67
N ARG B 96 22.28 -24.71 4.50
CA ARG B 96 21.53 -25.72 5.24
C ARG B 96 20.34 -25.08 5.98
N LYS B 97 20.58 -23.92 6.57
CA LYS B 97 19.56 -23.18 7.31
C LYS B 97 18.43 -22.71 6.38
N GLN B 98 18.81 -22.13 5.25
CA GLN B 98 17.81 -21.68 4.26
C GLN B 98 17.02 -22.85 3.71
N HIS B 99 17.70 -23.98 3.49
CA HIS B 99 17.04 -25.22 3.06
C HIS B 99 16.09 -25.71 4.12
N GLU B 100 16.54 -25.68 5.38
CA GLU B 100 15.76 -26.16 6.52
C GLU B 100 14.51 -25.29 6.73
N PHE B 101 14.70 -23.97 6.67
CA PHE B 101 13.58 -23.02 6.76
C PHE B 101 12.45 -23.39 5.79
N PHE B 102 12.79 -23.58 4.52
CA PHE B 102 11.78 -23.95 3.53
C PHE B 102 11.25 -25.35 3.74
N GLU B 103 12.13 -26.29 4.10
CA GLU B 103 11.71 -27.66 4.34
C GLU B 103 10.75 -27.75 5.52
N GLU B 104 11.06 -27.03 6.59
CA GLU B 104 10.21 -27.03 7.79
C GLU B 104 8.93 -26.22 7.60
N ALA B 105 9.01 -25.13 6.84
CA ALA B 105 7.81 -24.39 6.42
C ALA B 105 6.89 -25.30 5.62
N SER B 106 7.48 -26.02 4.67
CA SER B 106 6.74 -26.96 3.83
C SER B 106 6.09 -28.04 4.69
N ALA B 107 6.85 -28.58 5.65
CA ALA B 107 6.34 -29.60 6.56
C ALA B 107 5.18 -29.07 7.39
N ALA B 108 5.19 -27.76 7.63
CA ALA B 108 4.11 -27.08 8.34
C ALA B 108 2.92 -26.74 7.44
N GLY B 109 3.04 -27.10 6.16
CA GLY B 109 1.96 -26.88 5.19
C GLY B 109 2.07 -25.56 4.45
N LEU B 110 3.15 -24.83 4.72
CA LEU B 110 3.37 -23.52 4.14
C LEU B 110 4.42 -23.60 3.04
N VAL B 111 4.03 -24.10 1.88
CA VAL B 111 4.98 -24.18 0.78
C VAL B 111 4.84 -23.01 -0.19
N TYR B 112 3.60 -22.72 -0.60
CA TYR B 112 3.33 -21.63 -1.54
C TYR B 112 2.65 -20.47 -0.86
N GLY B 113 3.01 -19.26 -1.26
CA GLY B 113 2.46 -18.06 -0.65
C GLY B 113 3.17 -16.80 -1.07
N LEU B 114 2.76 -15.70 -0.44
CA LEU B 114 3.37 -14.42 -0.73
C LEU B 114 3.33 -13.59 0.52
N THR B 115 4.22 -12.60 0.55
CA THR B 115 4.25 -11.64 1.64
C THR B 115 4.05 -10.24 1.08
N MET B 116 3.09 -9.52 1.68
CA MET B 116 2.86 -8.11 1.37
C MET B 116 3.56 -7.29 2.45
N PRO B 117 4.58 -6.50 2.07
CA PRO B 117 5.16 -5.60 3.06
C PRO B 117 4.14 -4.61 3.58
N LEU B 118 4.30 -4.18 4.82
CA LEU B 118 3.40 -3.22 5.43
C LEU B 118 4.24 -2.06 5.96
N HIS B 119 3.95 -0.86 5.45
CA HIS B 119 4.60 0.36 5.93
C HIS B 119 3.52 1.36 6.27
N GLY B 120 3.27 1.54 7.56
CA GLY B 120 2.16 2.39 8.02
C GLY B 120 2.44 3.88 7.91
N ALA B 121 1.37 4.66 8.02
CA ALA B 121 1.42 6.11 7.94
C ALA B 121 2.26 6.68 9.08
N ARG B 122 2.26 5.99 10.22
CA ARG B 122 3.01 6.45 11.40
C ARG B 122 4.31 5.67 11.60
N GLY B 123 4.86 5.13 10.52
CA GLY B 123 6.17 4.47 10.55
C GLY B 123 6.17 3.00 10.94
N GLU B 124 4.98 2.43 11.16
CA GLU B 124 4.85 1.00 11.45
C GLU B 124 5.53 0.18 10.35
N LEU B 125 6.18 -0.90 10.77
CA LEU B 125 6.79 -1.84 9.84
C LEU B 125 6.23 -3.23 10.07
N GLY B 126 5.79 -3.88 9.00
CA GLY B 126 5.19 -5.18 9.15
C GLY B 126 5.08 -5.97 7.87
N ALA B 127 4.29 -7.04 7.93
CA ALA B 127 4.10 -7.91 6.78
C ALA B 127 2.78 -8.63 6.93
N LEU B 128 2.12 -8.82 5.80
CA LEU B 128 1.02 -9.76 5.76
C LEU B 128 1.46 -10.92 4.88
N SER B 129 1.64 -12.08 5.50
CA SER B 129 2.04 -13.29 4.79
C SER B 129 0.87 -14.23 4.63
N LEU B 130 0.70 -14.78 3.43
CA LEU B 130 -0.47 -15.62 3.17
C LEU B 130 -0.05 -16.84 2.38
N SER B 131 -0.49 -18.01 2.83
CA SER B 131 -0.19 -19.26 2.13
C SER B 131 -1.42 -19.81 1.42
N VAL B 132 -1.18 -20.40 0.26
CA VAL B 132 -2.21 -21.05 -0.53
C VAL B 132 -1.82 -22.52 -0.69
N GLU B 133 -2.79 -23.41 -0.48
CA GLU B 133 -2.57 -24.83 -0.69
C GLU B 133 -2.61 -25.09 -2.19
N ALA B 134 -1.56 -25.70 -2.72
CA ALA B 134 -1.47 -25.98 -4.15
C ALA B 134 -0.56 -27.18 -4.38
N GLU B 135 -0.75 -27.84 -5.51
CA GLU B 135 0.02 -29.02 -5.89
C GLU B 135 1.38 -28.67 -6.47
N ASN B 136 1.46 -27.51 -7.12
CA ASN B 136 2.68 -27.06 -7.77
C ASN B 136 2.75 -25.55 -7.91
N ARG B 137 3.87 -25.06 -8.43
CA ARG B 137 4.11 -23.63 -8.53
C ARG B 137 3.23 -22.93 -9.58
N ALA B 138 2.91 -23.65 -10.65
CA ALA B 138 2.02 -23.11 -11.68
C ALA B 138 0.63 -22.88 -11.11
N GLU B 139 0.11 -23.88 -10.40
CA GLU B 139 -1.20 -23.81 -9.77
C GLU B 139 -1.22 -22.68 -8.72
N ALA B 140 -0.16 -22.64 -7.91
CA ALA B 140 -0.02 -21.65 -6.84
C ALA B 140 0.00 -20.23 -7.38
N ASN B 141 0.81 -19.99 -8.41
CA ASN B 141 0.89 -18.65 -8.99
C ASN B 141 -0.43 -18.21 -9.61
N ARG B 142 -1.15 -19.15 -10.22
CA ARG B 142 -2.49 -18.91 -10.73
C ARG B 142 -3.41 -18.42 -9.61
N PHE B 143 -3.45 -19.18 -8.52
CA PHE B 143 -4.31 -18.87 -7.38
C PHE B 143 -3.99 -17.49 -6.79
N MET B 144 -2.71 -17.16 -6.69
CA MET B 144 -2.30 -15.89 -6.07
C MET B 144 -2.52 -14.70 -6.98
N GLU B 145 -2.14 -14.83 -8.25
CA GLU B 145 -2.30 -13.76 -9.24
C GLU B 145 -3.77 -13.36 -9.40
N SER B 146 -4.68 -14.33 -9.30
CA SER B 146 -6.10 -14.11 -9.56
C SER B 146 -6.80 -13.25 -8.48
N VAL B 147 -6.22 -13.19 -7.29
CA VAL B 147 -6.80 -12.40 -6.19
C VAL B 147 -5.90 -11.24 -5.80
N LEU B 148 -4.79 -11.07 -6.52
CA LEU B 148 -3.81 -10.06 -6.16
C LEU B 148 -4.38 -8.63 -6.04
N PRO B 149 -5.25 -8.20 -6.99
CA PRO B 149 -5.81 -6.86 -6.81
C PRO B 149 -6.66 -6.69 -5.55
N THR B 150 -7.45 -7.71 -5.19
CA THR B 150 -8.25 -7.69 -3.96
C THR B 150 -7.34 -7.72 -2.72
N LEU B 151 -6.35 -8.60 -2.74
CA LEU B 151 -5.38 -8.70 -1.67
C LEU B 151 -4.63 -7.39 -1.47
N TRP B 152 -4.34 -6.69 -2.56
CA TRP B 152 -3.63 -5.41 -2.48
C TRP B 152 -4.42 -4.41 -1.66
N MET B 153 -5.74 -4.42 -1.84
CA MET B 153 -6.63 -3.57 -1.05
C MET B 153 -6.68 -4.04 0.39
N LEU B 154 -6.88 -5.36 0.56
CA LEU B 154 -6.96 -5.95 1.89
C LEU B 154 -5.74 -5.63 2.78
N LYS B 155 -4.53 -5.73 2.23
CA LYS B 155 -3.33 -5.51 3.05
C LYS B 155 -3.27 -4.09 3.62
N ASP B 156 -3.74 -3.10 2.84
CA ASP B 156 -3.78 -1.71 3.32
C ASP B 156 -4.91 -1.49 4.32
N TYR B 157 -6.07 -2.09 4.10
CA TYR B 157 -7.14 -2.06 5.12
C TYR B 157 -6.69 -2.76 6.42
N ALA B 158 -5.99 -3.88 6.28
CA ALA B 158 -5.48 -4.62 7.43
C ALA B 158 -4.41 -3.80 8.15
N LEU B 159 -3.54 -3.16 7.36
CA LEU B 159 -2.52 -2.29 7.93
C LEU B 159 -3.15 -1.16 8.74
N GLN B 160 -4.13 -0.47 8.16
CA GLN B 160 -4.70 0.72 8.80
C GLN B 160 -5.44 0.37 10.08
N SER B 161 -6.30 -0.64 10.03
CA SER B 161 -7.06 -1.09 11.20
C SER B 161 -6.18 -1.78 12.23
N GLY B 162 -5.22 -2.57 11.74
CA GLY B 162 -4.31 -3.33 12.59
C GLY B 162 -3.44 -2.40 13.40
N ALA B 163 -2.91 -1.36 12.74
CA ALA B 163 -2.07 -0.39 13.44
C ALA B 163 -2.81 0.31 14.57
N GLY B 164 -4.09 0.61 14.34
CA GLY B 164 -4.93 1.25 15.36
C GLY B 164 -5.20 0.32 16.52
N LEU B 165 -5.56 -0.91 16.18
CA LEU B 165 -5.80 -1.95 17.18
C LEU B 165 -4.56 -2.20 18.04
N ALA B 166 -3.39 -2.17 17.41
CA ALA B 166 -2.13 -2.50 18.05
C ALA B 166 -1.55 -1.37 18.90
N PHE B 167 -1.60 -0.15 18.37
CA PHE B 167 -0.78 0.93 18.94
C PHE B 167 -1.55 2.16 19.42
N GLU B 168 -2.78 2.32 18.93
CA GLU B 168 -3.53 3.57 19.10
C GLU B 168 -4.54 3.52 20.25
#